data_5CR0
#
_entry.id   5CR0
#
_cell.length_a   84.511
_cell.length_b   84.511
_cell.length_c   399.101
_cell.angle_alpha   90.00
_cell.angle_beta   90.00
_cell.angle_gamma   120.00
#
_symmetry.space_group_name_H-M   'P 65 2 2'
#
loop_
_entity.id
_entity.type
_entity.pdbx_description
1 polymer 'DNA polymerase lambda'
2 polymer "DNA (5'-D(*CP*AP*GP*TP*AP*C)-3')"
3 polymer "DNA (5'-D(P*GP*TP*AP*CP*TP*G)-3')"
4 non-polymer 'MAGNESIUM ION'
5 non-polymer "2'-DEOXYCYTIDINE-5'-TRIPHOSPHATE"
6 water water
#
loop_
_entity_poly.entity_id
_entity_poly.type
_entity_poly.pdbx_seq_one_letter_code
_entity_poly.pdbx_strand_id
1 'polypeptide(L)'
;AQPSSQKATNHNLHITEKLEVLAKAYSVQGDKWRALGYAKAINALKSFHKPVTSYQEACSIPGIGKRMAEKIIEILESGH
LRKLDHISESVPVLELFSNIWGAGTKTAQMWYQQGFRSLEDIRSQASLTTQQAIGLKHYSDFLERMPREEATEIEQTVQK
AAQAFNSGLLCVACGSYRRGKATCGDVDVAITHPDGRSHRGIFSRLLDSLRQEGFLTDDLVSQEENGQQQKYLGVCRLPG
PGRRHRRLDIIVVPYSEFACALLYFTGSAHFNRSMRALAKTKGMSLSEHALSTAVVRNTHGCKVGPGRVLPTPTEKDVFR
LLGLPYREPAERDW
;
A,B
2 'polydeoxyribonucleotide' (DC)(DA)(DG)(DT)(DA)(DC) P
3 'polydeoxyribonucleotide' (DG)(DT)(DA)(DC)(DT)(DG) T
#
loop_
_chem_comp.id
_chem_comp.type
_chem_comp.name
_chem_comp.formula
DA DNA linking 2'-DEOXYADENOSINE-5'-MONOPHOSPHATE 'C10 H14 N5 O6 P'
DC DNA linking 2'-DEOXYCYTIDINE-5'-MONOPHOSPHATE 'C9 H14 N3 O7 P'
DCP non-polymer 2'-DEOXYCYTIDINE-5'-TRIPHOSPHATE 'C9 H16 N3 O13 P3'
DG DNA linking 2'-DEOXYGUANOSINE-5'-MONOPHOSPHATE 'C10 H14 N5 O7 P'
DT DNA linking THYMIDINE-5'-MONOPHOSPHATE 'C10 H15 N2 O8 P'
MG non-polymer 'MAGNESIUM ION' 'Mg 2'
#
# COMPACT_ATOMS: atom_id res chain seq x y z
N GLU A 89 -20.41 10.87 -19.93
CA GLU A 89 -19.12 11.10 -20.55
C GLU A 89 -18.43 12.35 -20.00
N SER A 90 -19.16 13.12 -19.19
CA SER A 90 -18.58 14.31 -18.55
C SER A 90 -17.61 13.95 -17.43
N VAL A 91 -18.03 13.06 -16.54
CA VAL A 91 -17.19 12.61 -15.42
C VAL A 91 -15.79 12.14 -15.85
N PRO A 92 -15.69 11.30 -16.91
CA PRO A 92 -14.34 10.91 -17.34
C PRO A 92 -13.50 12.09 -17.82
N VAL A 93 -14.14 13.06 -18.47
CA VAL A 93 -13.44 14.25 -18.97
C VAL A 93 -12.92 15.09 -17.81
N LEU A 94 -13.69 15.21 -16.74
CA LEU A 94 -13.22 15.91 -15.54
C LEU A 94 -12.04 15.17 -14.92
N GLU A 95 -12.05 13.84 -15.00
CA GLU A 95 -10.91 13.06 -14.55
C GLU A 95 -9.68 13.42 -15.37
N LEU A 96 -9.83 13.35 -16.69
CA LEU A 96 -8.75 13.60 -17.63
C LEU A 96 -8.08 14.95 -17.40
N PHE A 97 -8.89 15.98 -17.17
CA PHE A 97 -8.38 17.32 -16.98
C PHE A 97 -7.73 17.48 -15.59
N SER A 98 -8.30 16.84 -14.58
CA SER A 98 -7.81 16.97 -13.21
C SER A 98 -6.46 16.31 -13.01
N ASN A 99 -6.11 15.36 -13.87
CA ASN A 99 -4.81 14.70 -13.80
C ASN A 99 -3.69 15.56 -14.36
N ILE A 100 -4.03 16.73 -14.89
CA ILE A 100 -3.04 17.72 -15.28
C ILE A 100 -2.56 18.44 -14.01
N TRP A 101 -1.25 18.49 -13.82
CA TRP A 101 -0.69 19.15 -12.65
C TRP A 101 -0.99 20.64 -12.71
N GLY A 102 -1.54 21.18 -11.64
CA GLY A 102 -1.89 22.59 -11.60
C GLY A 102 -3.38 22.82 -11.83
N ALA A 103 -4.05 21.83 -12.41
CA ALA A 103 -5.48 21.88 -12.64
C ALA A 103 -6.24 21.02 -11.62
N GLY A 104 -7.28 21.59 -11.03
CA GLY A 104 -8.17 20.87 -10.11
C GLY A 104 -9.57 20.77 -10.67
N THR A 105 -10.59 20.71 -9.81
CA THR A 105 -11.95 20.55 -10.30
C THR A 105 -12.52 21.83 -10.91
N LYS A 106 -12.33 22.98 -10.25
CA LYS A 106 -12.86 24.26 -10.76
C LYS A 106 -12.38 24.55 -12.18
N THR A 107 -11.13 24.18 -12.47
CA THR A 107 -10.55 24.43 -13.78
C THR A 107 -11.05 23.42 -14.81
N ALA A 108 -11.14 22.16 -14.38
CA ALA A 108 -11.66 21.10 -15.25
C ALA A 108 -13.09 21.41 -15.70
N GLN A 109 -13.91 21.88 -14.76
CA GLN A 109 -15.28 22.27 -15.05
C GLN A 109 -15.34 23.43 -16.05
N MET A 110 -14.53 24.47 -15.81
CA MET A 110 -14.50 25.62 -16.71
C MET A 110 -14.10 25.19 -18.12
N TRP A 111 -13.13 24.29 -18.21
CA TRP A 111 -12.67 23.80 -19.49
C TRP A 111 -13.77 23.02 -20.20
N TYR A 112 -14.58 22.30 -19.42
CA TYR A 112 -15.67 21.54 -19.97
C TYR A 112 -16.73 22.46 -20.56
N GLN A 113 -17.07 23.51 -19.82
CA GLN A 113 -18.08 24.47 -20.28
C GLN A 113 -17.63 25.15 -21.58
N GLN A 114 -16.32 25.33 -21.74
CA GLN A 114 -15.78 25.88 -22.98
C GLN A 114 -15.87 24.88 -24.12
N GLY A 115 -16.30 23.66 -23.80
CA GLY A 115 -16.50 22.63 -24.80
C GLY A 115 -15.27 21.76 -25.06
N PHE A 116 -14.25 21.91 -24.23
CA PHE A 116 -13.03 21.11 -24.36
C PHE A 116 -13.29 19.68 -23.90
N ARG A 117 -12.76 18.70 -24.64
CA ARG A 117 -13.04 17.31 -24.34
C ARG A 117 -11.77 16.45 -24.25
N SER A 118 -10.71 16.90 -24.92
CA SER A 118 -9.47 16.15 -24.97
C SER A 118 -8.27 16.99 -24.54
N LEU A 119 -7.15 16.32 -24.28
CA LEU A 119 -5.91 17.00 -23.92
C LEU A 119 -5.41 17.87 -25.05
N GLU A 120 -5.67 17.44 -26.28
CA GLU A 120 -5.27 18.23 -27.45
C GLU A 120 -6.06 19.52 -27.51
N ASP A 121 -7.33 19.46 -27.10
CA ASP A 121 -8.18 20.65 -27.04
C ASP A 121 -7.61 21.64 -26.03
N ILE A 122 -7.17 21.13 -24.89
CA ILE A 122 -6.63 21.99 -23.84
C ILE A 122 -5.34 22.66 -24.29
N ARG A 123 -4.45 21.88 -24.87
CA ARG A 123 -3.13 22.36 -25.27
C ARG A 123 -3.19 23.47 -26.32
N SER A 124 -4.19 23.41 -27.19
CA SER A 124 -4.25 24.31 -28.33
C SER A 124 -5.14 25.53 -28.12
N GLN A 125 -6.12 25.43 -27.22
CA GLN A 125 -7.12 26.47 -27.11
C GLN A 125 -7.25 27.13 -25.73
N ALA A 126 -6.93 26.38 -24.68
CA ALA A 126 -7.14 26.88 -23.32
C ALA A 126 -6.00 27.79 -22.85
N SER A 127 -6.30 28.62 -21.85
CA SER A 127 -5.29 29.45 -21.19
C SER A 127 -4.58 28.66 -20.11
N LEU A 128 -3.31 28.37 -20.34
CA LEU A 128 -2.52 27.58 -19.41
C LEU A 128 -1.54 28.44 -18.62
N THR A 129 -1.41 28.14 -17.33
CA THR A 129 -0.31 28.66 -16.53
C THR A 129 0.95 27.93 -16.95
N THR A 130 2.13 28.46 -16.61
CA THR A 130 3.37 27.76 -16.95
C THR A 130 3.38 26.40 -16.27
N GLN A 131 2.87 26.37 -15.03
CA GLN A 131 2.69 25.13 -14.30
C GLN A 131 1.88 24.14 -15.12
N GLN A 132 0.64 24.51 -15.42
CA GLN A 132 -0.27 23.65 -16.17
C GLN A 132 0.31 23.25 -17.52
N ALA A 133 1.13 24.13 -18.10
CA ALA A 133 1.74 23.84 -19.39
C ALA A 133 2.76 22.72 -19.26
N ILE A 134 3.50 22.74 -18.16
CA ILE A 134 4.53 21.75 -17.87
C ILE A 134 3.90 20.39 -17.53
N GLY A 135 2.84 20.42 -16.74
CA GLY A 135 2.16 19.20 -16.33
C GLY A 135 1.50 18.50 -17.51
N LEU A 136 1.16 19.28 -18.53
CA LEU A 136 0.46 18.75 -19.68
C LEU A 136 1.41 18.03 -20.64
N LYS A 137 2.63 18.52 -20.75
CA LYS A 137 3.59 17.89 -21.65
C LYS A 137 4.26 16.69 -20.98
N HIS A 138 4.10 16.60 -19.67
CA HIS A 138 4.61 15.46 -18.92
C HIS A 138 3.46 14.62 -18.37
N TYR A 139 2.31 14.69 -19.05
CA TYR A 139 1.08 14.07 -18.58
C TYR A 139 1.21 12.58 -18.31
N SER A 140 1.71 11.83 -19.29
CA SER A 140 1.87 10.39 -19.16
C SER A 140 2.82 10.01 -18.03
N ASP A 141 4.01 10.62 -18.03
CA ASP A 141 5.04 10.31 -17.04
C ASP A 141 4.56 10.61 -15.63
N PHE A 142 4.00 11.80 -15.42
CA PHE A 142 3.54 12.20 -14.10
C PHE A 142 2.46 11.27 -13.58
N LEU A 143 1.81 10.58 -14.52
CA LEU A 143 0.70 9.68 -14.20
C LEU A 143 1.21 8.29 -13.81
N GLU A 144 2.49 8.05 -14.05
CA GLU A 144 3.10 6.76 -13.75
C GLU A 144 3.91 6.81 -12.46
N ARG A 145 3.67 5.86 -11.58
CA ARG A 145 4.43 5.73 -10.34
C ARG A 145 5.81 5.17 -10.64
N MET A 146 6.77 5.42 -9.76
CA MET A 146 8.15 5.00 -10.00
C MET A 146 8.58 3.96 -8.95
N PRO A 147 9.48 3.05 -9.35
CA PRO A 147 10.01 2.07 -8.41
C PRO A 147 10.89 2.72 -7.34
N ARG A 148 10.94 2.12 -6.16
CA ARG A 148 11.72 2.63 -5.04
C ARG A 148 13.20 2.78 -5.38
N GLU A 149 13.70 1.88 -6.21
CA GLU A 149 15.11 1.88 -6.61
C GLU A 149 15.45 3.15 -7.40
N GLU A 150 14.55 3.55 -8.30
CA GLU A 150 14.77 4.74 -9.12
C GLU A 150 14.67 6.00 -8.29
N ALA A 151 13.87 5.96 -7.22
CA ALA A 151 13.75 7.09 -6.31
C ALA A 151 15.05 7.28 -5.54
N THR A 152 15.76 6.20 -5.32
CA THR A 152 17.07 6.24 -4.66
C THR A 152 18.08 6.98 -5.53
N GLU A 153 18.14 6.59 -6.81
CA GLU A 153 19.05 7.22 -7.77
C GLU A 153 18.78 8.71 -7.88
N ILE A 154 17.51 9.09 -7.78
CA ILE A 154 17.13 10.48 -7.83
C ILE A 154 17.63 11.23 -6.60
N GLU A 155 17.47 10.62 -5.42
CA GLU A 155 17.94 11.25 -4.19
C GLU A 155 19.46 11.38 -4.20
N GLN A 156 20.15 10.33 -4.65
CA GLN A 156 21.61 10.35 -4.69
C GLN A 156 22.13 11.40 -5.68
N THR A 157 21.40 11.59 -6.78
CA THR A 157 21.74 12.64 -7.73
C THR A 157 21.64 14.01 -7.07
N VAL A 158 20.64 14.18 -6.25
CA VAL A 158 20.51 15.39 -5.51
C VAL A 158 21.57 15.41 -4.43
N GLN A 159 21.74 14.29 -3.77
CA GLN A 159 22.66 14.25 -2.66
C GLN A 159 24.08 14.54 -3.05
N LYS A 160 24.53 13.94 -4.12
CA LYS A 160 25.89 14.16 -4.54
C LYS A 160 26.12 15.61 -4.90
N ALA A 161 25.21 16.20 -5.65
CA ALA A 161 25.39 17.57 -6.05
C ALA A 161 25.39 18.50 -4.87
N ALA A 162 24.53 18.24 -3.92
CA ALA A 162 24.46 19.08 -2.74
C ALA A 162 25.72 19.00 -1.92
N GLN A 163 26.20 17.78 -1.69
CA GLN A 163 27.40 17.63 -0.88
C GLN A 163 28.66 18.17 -1.51
N ALA A 164 28.69 18.25 -2.82
CA ALA A 164 29.85 18.77 -3.50
C ALA A 164 30.05 20.15 -2.98
N PHE A 165 28.96 20.85 -2.76
CA PHE A 165 29.04 22.17 -2.19
C PHE A 165 29.55 22.06 -0.77
N ASN A 166 29.05 21.07 -0.04
CA ASN A 166 29.46 20.83 1.33
C ASN A 166 29.33 19.38 1.71
N SER A 167 30.32 18.90 2.44
CA SER A 167 30.34 17.54 2.96
C SER A 167 29.33 17.36 4.07
N GLY A 168 29.16 18.42 4.84
CA GLY A 168 28.29 18.42 5.99
C GLY A 168 26.81 18.18 5.82
N LEU A 169 26.26 18.64 4.72
CA LEU A 169 24.82 18.55 4.43
C LEU A 169 24.23 17.17 4.43
N LEU A 170 23.00 17.09 4.91
CA LEU A 170 22.28 15.83 4.93
C LEU A 170 21.19 15.84 3.91
N CYS A 171 21.17 14.81 3.10
CA CYS A 171 20.13 14.67 2.11
C CYS A 171 19.33 13.40 2.35
N VAL A 172 18.20 13.55 3.05
CA VAL A 172 17.36 12.40 3.37
C VAL A 172 16.04 12.46 2.62
N ALA A 173 15.79 11.45 1.79
CA ALA A 173 14.53 11.34 1.06
C ALA A 173 13.37 11.07 2.02
N CYS A 174 12.25 11.74 1.80
CA CYS A 174 11.08 11.57 2.66
C CYS A 174 9.85 11.07 1.88
N GLY A 175 8.67 11.40 2.37
CA GLY A 175 7.43 11.02 1.71
C GLY A 175 7.19 9.52 1.63
N SER A 176 6.83 9.06 0.44
CA SER A 176 6.54 7.65 0.21
C SER A 176 7.79 6.79 0.40
N TYR A 177 8.94 7.30 -0.04
CA TYR A 177 10.20 6.58 0.06
C TYR A 177 10.55 6.23 1.50
N ARG A 178 10.53 7.23 2.39
CA ARG A 178 10.91 7.02 3.78
C ARG A 178 9.91 6.12 4.49
N ARG A 179 8.64 6.18 4.06
CA ARG A 179 7.62 5.31 4.63
C ARG A 179 7.82 3.87 4.16
N GLY A 180 8.64 3.70 3.13
CA GLY A 180 9.12 2.40 2.74
C GLY A 180 8.24 1.62 1.79
N LYS A 181 7.30 2.29 1.13
CA LYS A 181 6.43 1.56 0.20
C LYS A 181 7.10 1.47 -1.17
N ALA A 182 6.75 0.41 -1.90
CA ALA A 182 7.50 0.00 -3.08
C ALA A 182 7.50 1.02 -4.21
N THR A 183 6.42 1.78 -4.33
CA THR A 183 6.34 2.78 -5.39
C THR A 183 6.29 4.18 -4.83
N CYS A 184 6.68 5.14 -5.67
CA CYS A 184 6.61 6.55 -5.32
C CYS A 184 6.02 7.34 -6.47
N GLY A 185 5.24 8.37 -6.16
CA GLY A 185 4.71 9.26 -7.18
C GLY A 185 5.62 10.46 -7.34
N ASP A 186 6.47 10.66 -6.34
CA ASP A 186 7.40 11.79 -6.31
C ASP A 186 8.55 11.47 -5.39
N VAL A 187 9.57 12.32 -5.40
CA VAL A 187 10.68 12.18 -4.49
C VAL A 187 10.83 13.44 -3.65
N ASP A 188 10.60 13.31 -2.35
CA ASP A 188 10.71 14.44 -1.43
C ASP A 188 12.06 14.40 -0.71
N VAL A 189 12.82 15.49 -0.81
CA VAL A 189 14.16 15.55 -0.23
C VAL A 189 14.31 16.70 0.76
N ALA A 190 14.63 16.37 2.01
CA ALA A 190 14.93 17.38 3.00
C ALA A 190 16.44 17.55 3.14
N ILE A 191 16.89 18.80 3.25
CA ILE A 191 18.32 19.09 3.35
C ILE A 191 18.62 20.00 4.53
N THR A 192 19.67 19.66 5.29
CA THR A 192 20.05 20.44 6.46
C THR A 192 21.54 20.32 6.75
N HIS A 193 22.01 21.05 7.76
CA HIS A 193 23.38 20.93 8.25
C HIS A 193 23.38 20.89 9.77
N PRO A 194 24.20 20.01 10.36
CA PRO A 194 24.27 19.80 11.82
C PRO A 194 24.52 21.07 12.62
N ASP A 195 25.35 21.96 12.09
CA ASP A 195 25.67 23.21 12.80
C ASP A 195 24.45 24.12 12.87
N GLY A 196 23.82 24.36 11.72
CA GLY A 196 22.67 25.23 11.64
C GLY A 196 23.02 26.56 10.99
N ARG A 197 24.14 26.59 10.28
CA ARG A 197 24.58 27.81 9.61
C ARG A 197 24.95 27.55 8.16
N SER A 198 25.52 26.38 7.88
CA SER A 198 26.08 26.07 6.57
C SER A 198 25.03 25.78 5.50
N HIS A 199 23.77 25.71 5.90
CA HIS A 199 22.70 25.38 4.96
C HIS A 199 22.27 26.56 4.09
N ARG A 200 22.55 27.77 4.57
CA ARG A 200 22.16 28.99 3.86
C ARG A 200 22.94 29.17 2.57
N GLY A 201 22.26 29.65 1.53
CA GLY A 201 22.91 29.94 0.26
C GLY A 201 23.13 28.74 -0.64
N ILE A 202 22.89 27.54 -0.10
CA ILE A 202 23.09 26.32 -0.88
C ILE A 202 21.94 26.12 -1.87
N PHE A 203 20.72 26.36 -1.40
CA PHE A 203 19.50 26.14 -2.16
C PHE A 203 19.55 26.75 -3.56
N SER A 204 20.12 27.95 -3.65
CA SER A 204 20.11 28.70 -4.91
C SER A 204 21.07 28.10 -5.94
N ARG A 205 22.25 27.69 -5.50
CA ARG A 205 23.24 27.14 -6.43
C ARG A 205 23.18 25.62 -6.53
N LEU A 206 22.46 24.99 -5.60
CA LEU A 206 22.18 23.56 -5.72
C LEU A 206 21.26 23.33 -6.92
N LEU A 207 20.20 24.12 -6.99
CA LEU A 207 19.29 24.09 -8.12
C LEU A 207 20.02 24.42 -9.41
N ASP A 208 20.90 25.42 -9.35
CA ASP A 208 21.68 25.83 -10.51
C ASP A 208 22.61 24.70 -10.97
N SER A 209 23.20 24.01 -9.99
CA SER A 209 24.11 22.90 -10.29
C SER A 209 23.38 21.74 -10.97
N LEU A 210 22.16 21.46 -10.50
CA LEU A 210 21.36 20.38 -11.07
C LEU A 210 20.95 20.66 -12.52
N ARG A 211 20.75 21.94 -12.84
CA ARG A 211 20.32 22.32 -14.18
C ARG A 211 21.43 22.11 -15.19
N GLN A 212 22.67 22.17 -14.71
CA GLN A 212 23.84 22.02 -15.56
C GLN A 212 24.07 20.57 -15.96
N GLU A 213 23.72 19.65 -15.06
CA GLU A 213 23.80 18.22 -15.36
C GLU A 213 22.83 17.85 -16.48
N GLY A 214 21.77 18.64 -16.60
CA GLY A 214 20.66 18.30 -17.47
C GLY A 214 19.62 17.55 -16.67
N PHE A 215 19.84 17.50 -15.35
CA PHE A 215 18.94 16.78 -14.47
C PHE A 215 17.59 17.48 -14.40
N LEU A 216 17.57 18.69 -13.82
CA LEU A 216 16.34 19.46 -13.77
C LEU A 216 15.90 19.89 -15.17
N THR A 217 14.66 19.59 -15.53
CA THR A 217 14.16 19.87 -16.87
C THR A 217 13.14 21.01 -16.85
N ASP A 218 12.44 21.17 -15.73
CA ASP A 218 11.42 22.22 -15.59
C ASP A 218 11.23 22.62 -14.13
N ASP A 219 10.73 23.82 -13.90
CA ASP A 219 10.47 24.31 -12.55
C ASP A 219 8.99 24.64 -12.37
N LEU A 220 8.42 24.19 -11.28
CA LEU A 220 7.03 24.47 -11.04
C LEU A 220 6.81 25.61 -10.09
N VAL A 221 7.45 25.55 -8.93
CA VAL A 221 7.27 26.59 -7.96
C VAL A 221 8.44 26.81 -7.06
N SER A 222 8.58 28.02 -6.55
CA SER A 222 9.66 28.36 -5.65
C SER A 222 9.11 29.12 -4.48
N GLN A 223 9.54 28.79 -3.27
CA GLN A 223 9.07 29.49 -2.09
C GLN A 223 10.29 29.89 -1.30
N GLU A 224 11.02 30.86 -1.83
CA GLU A 224 12.22 31.33 -1.17
C GLU A 224 11.90 31.96 0.17
N GLU A 225 10.82 32.71 0.23
CA GLU A 225 10.41 33.36 1.47
C GLU A 225 9.48 32.48 2.29
N ASN A 226 10.04 31.44 2.89
CA ASN A 226 9.26 30.53 3.72
C ASN A 226 9.93 30.37 5.06
N GLY A 227 9.75 31.34 5.92
CA GLY A 227 10.37 31.26 7.22
C GLY A 227 11.86 31.15 7.00
N GLN A 228 12.47 30.19 7.68
CA GLN A 228 13.90 29.98 7.54
C GLN A 228 14.20 28.93 6.51
N GLN A 229 13.18 28.47 5.81
CA GLN A 229 13.38 27.44 4.82
C GLN A 229 12.83 27.78 3.43
N GLN A 230 13.37 27.10 2.42
CA GLN A 230 13.00 27.28 1.04
C GLN A 230 12.50 25.96 0.45
N LYS A 231 11.50 26.04 -0.40
CA LYS A 231 10.93 24.85 -1.01
C LYS A 231 10.93 24.97 -2.50
N TYR A 232 11.29 23.91 -3.19
CA TYR A 232 11.30 23.91 -4.63
C TYR A 232 10.54 22.74 -5.19
N LEU A 233 9.73 22.98 -6.21
CA LEU A 233 9.03 21.90 -6.85
C LEU A 233 9.40 21.99 -8.29
N GLY A 234 9.90 20.90 -8.85
CA GLY A 234 10.30 20.89 -10.24
C GLY A 234 10.27 19.52 -10.87
N VAL A 235 10.86 19.42 -12.06
CA VAL A 235 10.88 18.16 -12.79
C VAL A 235 12.31 17.74 -13.12
N CYS A 236 12.68 16.54 -12.72
CA CYS A 236 14.01 16.01 -13.02
C CYS A 236 13.90 14.79 -13.93
N ARG A 237 15.04 14.32 -14.42
CA ARG A 237 15.08 13.10 -15.21
C ARG A 237 16.48 12.48 -15.19
N LEU A 238 16.56 11.24 -14.74
CA LEU A 238 17.83 10.53 -14.64
C LEU A 238 18.51 10.36 -15.99
N PRO A 239 19.85 10.40 -16.01
CA PRO A 239 20.63 10.16 -17.22
C PRO A 239 20.43 8.74 -17.75
N GLY A 240 20.27 8.60 -19.05
CA GLY A 240 20.15 7.28 -19.66
C GLY A 240 19.02 7.17 -20.66
N PRO A 241 19.02 6.09 -21.45
CA PRO A 241 17.98 5.83 -22.45
C PRO A 241 16.66 5.39 -21.81
N GLY A 242 15.54 5.77 -22.41
CA GLY A 242 14.23 5.34 -21.98
C GLY A 242 13.89 5.66 -20.53
N ARG A 243 14.10 6.91 -20.13
CA ARG A 243 13.77 7.32 -18.76
C ARG A 243 12.66 8.36 -18.77
N ARG A 244 11.81 8.33 -17.75
CA ARG A 244 10.65 9.21 -17.68
C ARG A 244 10.91 10.41 -16.78
N HIS A 245 10.17 11.49 -16.99
CA HIS A 245 10.27 12.67 -16.14
C HIS A 245 9.58 12.43 -14.81
N ARG A 246 10.19 12.94 -13.74
CA ARG A 246 9.65 12.73 -12.40
C ARG A 246 9.46 14.05 -11.66
N ARG A 247 8.49 14.08 -10.76
CA ARG A 247 8.29 15.22 -9.89
C ARG A 247 9.29 15.19 -8.73
N LEU A 248 9.92 16.32 -8.49
CA LEU A 248 10.94 16.42 -7.45
C LEU A 248 10.67 17.59 -6.52
N ASP A 249 10.72 17.34 -5.21
CA ASP A 249 10.55 18.39 -4.21
C ASP A 249 11.78 18.51 -3.32
N ILE A 250 12.33 19.71 -3.25
CA ILE A 250 13.50 19.99 -2.43
C ILE A 250 13.17 21.06 -1.39
N ILE A 251 13.40 20.76 -0.13
CA ILE A 251 13.31 21.78 0.92
C ILE A 251 14.62 21.84 1.70
N VAL A 252 14.99 23.04 2.12
CA VAL A 252 16.22 23.25 2.87
C VAL A 252 15.90 23.85 4.23
N VAL A 253 16.19 23.12 5.29
CA VAL A 253 15.77 23.53 6.63
C VAL A 253 16.94 23.68 7.59
N PRO A 254 16.79 24.57 8.60
CA PRO A 254 17.79 24.67 9.66
C PRO A 254 17.72 23.46 10.60
N TYR A 255 18.82 23.16 11.28
CA TYR A 255 18.87 21.99 12.15
C TYR A 255 17.92 22.14 13.34
N SER A 256 17.60 23.38 13.70
CA SER A 256 16.65 23.65 14.77
C SER A 256 15.24 23.21 14.40
N GLU A 257 14.99 23.09 13.10
CA GLU A 257 13.67 22.76 12.59
C GLU A 257 13.67 21.45 11.80
N PHE A 258 14.81 20.76 11.80
CA PHE A 258 14.97 19.53 11.04
C PHE A 258 14.00 18.45 11.48
N ALA A 259 13.63 18.46 12.76
CA ALA A 259 12.74 17.45 13.31
C ALA A 259 11.33 17.58 12.77
N CYS A 260 10.75 18.77 12.89
CA CYS A 260 9.38 19.00 12.45
C CYS A 260 9.27 19.01 10.94
N ALA A 261 10.39 19.29 10.27
CA ALA A 261 10.43 19.26 8.81
C ALA A 261 10.32 17.84 8.28
N LEU A 262 11.07 16.92 8.89
CA LEU A 262 10.99 15.51 8.54
C LEU A 262 9.61 14.96 8.87
N LEU A 263 9.08 15.35 10.02
CA LEU A 263 7.76 14.92 10.46
C LEU A 263 6.68 15.35 9.47
N TYR A 264 6.93 16.47 8.79
CA TYR A 264 6.00 16.98 7.79
C TYR A 264 6.17 16.28 6.45
N PHE A 265 7.41 16.18 5.99
CA PHE A 265 7.70 15.71 4.64
C PHE A 265 7.46 14.20 4.45
N THR A 266 7.54 13.44 5.54
CA THR A 266 7.35 11.99 5.44
C THR A 266 5.87 11.61 5.51
N GLY A 267 5.10 12.39 6.25
CA GLY A 267 3.66 12.21 6.30
C GLY A 267 3.22 10.93 6.98
N SER A 268 2.12 10.34 6.51
CA SER A 268 1.38 10.82 5.35
C SER A 268 0.47 12.00 5.67
N ALA A 269 -0.24 12.49 4.65
CA ALA A 269 -1.11 13.65 4.81
C ALA A 269 -2.19 13.42 5.84
N HIS A 270 -2.88 12.29 5.74
CA HIS A 270 -3.92 11.92 6.70
C HIS A 270 -3.30 11.80 8.09
N PHE A 271 -2.10 11.25 8.14
CA PHE A 271 -1.35 11.11 9.38
C PHE A 271 -0.98 12.47 9.98
N ASN A 272 -0.46 13.37 9.14
CA ASN A 272 -0.12 14.71 9.57
C ASN A 272 -1.33 15.49 10.10
N ARG A 273 -2.45 15.38 9.41
CA ARG A 273 -3.68 16.02 9.85
C ARG A 273 -4.05 15.58 11.25
N SER A 274 -4.17 14.26 11.42
CA SER A 274 -4.59 13.68 12.69
C SER A 274 -3.69 14.12 13.83
N MET A 275 -2.38 14.10 13.60
CA MET A 275 -1.44 14.49 14.65
C MET A 275 -1.60 15.97 15.02
N ARG A 276 -1.73 16.83 14.01
CA ARG A 276 -1.93 18.24 14.27
C ARG A 276 -3.32 18.50 14.85
N ALA A 277 -4.29 17.65 14.47
CA ALA A 277 -5.64 17.76 14.99
C ALA A 277 -5.65 17.54 16.49
N LEU A 278 -4.79 16.62 16.95
CA LEU A 278 -4.68 16.32 18.36
C LEU A 278 -4.01 17.47 19.12
N ALA A 279 -3.14 18.19 18.42
CA ALA A 279 -2.43 19.32 19.00
C ALA A 279 -3.42 20.41 19.43
N LYS A 280 -4.44 20.65 18.60
CA LYS A 280 -5.46 21.65 18.93
C LYS A 280 -6.23 21.29 20.18
N THR A 281 -6.43 19.99 20.41
CA THR A 281 -7.12 19.51 21.59
C THR A 281 -6.29 19.78 22.84
N LYS A 282 -4.97 19.59 22.71
CA LYS A 282 -4.05 19.78 23.82
C LYS A 282 -3.57 21.22 23.95
N GLY A 283 -4.15 22.12 23.16
CA GLY A 283 -3.79 23.52 23.20
C GLY A 283 -2.37 23.77 22.70
N MET A 284 -2.01 23.08 21.62
CA MET A 284 -0.69 23.21 21.03
C MET A 284 -0.79 23.49 19.53
N SER A 285 0.35 23.53 18.86
CA SER A 285 0.39 23.78 17.43
C SER A 285 1.57 23.08 16.79
N LEU A 286 1.33 22.41 15.66
CA LEU A 286 2.39 21.72 14.96
C LEU A 286 2.48 22.14 13.49
N SER A 287 3.65 22.64 13.10
CA SER A 287 3.91 23.02 11.72
C SER A 287 5.18 22.36 11.23
N GLU A 288 5.56 22.64 9.98
CA GLU A 288 6.79 22.08 9.43
C GLU A 288 8.01 22.76 10.03
N HIS A 289 7.78 23.80 10.83
CA HIS A 289 8.87 24.55 11.45
C HIS A 289 9.12 24.10 12.89
N ALA A 290 8.08 24.11 13.71
CA ALA A 290 8.24 23.76 15.12
C ALA A 290 6.93 23.35 15.79
N LEU A 291 7.06 22.67 16.92
CA LEU A 291 5.93 22.37 17.78
C LEU A 291 5.86 23.42 18.89
N SER A 292 4.66 23.94 19.16
CA SER A 292 4.51 25.04 20.09
C SER A 292 3.47 24.76 21.17
N THR A 293 3.78 25.16 22.40
CA THR A 293 2.84 25.00 23.52
C THR A 293 2.36 26.36 24.03
N ALA A 294 1.46 26.33 25.01
CA ALA A 294 0.84 27.54 25.57
C ALA A 294 0.18 28.36 24.47
N VAL A 295 -0.51 27.68 23.56
CA VAL A 295 -1.17 28.32 22.43
C VAL A 295 -2.58 28.75 22.79
N VAL A 296 -2.82 30.05 22.81
CA VAL A 296 -4.11 30.60 23.17
C VAL A 296 -5.18 30.44 22.11
N ARG A 297 -6.43 30.35 22.55
CA ARG A 297 -7.54 30.23 21.64
C ARG A 297 -8.78 30.89 22.21
N ASN A 298 -9.70 31.23 21.31
CA ASN A 298 -10.95 31.89 21.63
C ASN A 298 -12.11 30.97 21.89
N THR A 299 -13.27 31.58 22.03
CA THR A 299 -14.50 30.88 22.28
C THR A 299 -14.81 29.92 21.15
N HIS A 300 -14.58 30.36 19.93
CA HIS A 300 -14.87 29.54 18.78
C HIS A 300 -13.67 28.72 18.38
N GLY A 301 -12.63 28.80 19.20
CA GLY A 301 -11.44 28.03 18.99
C GLY A 301 -10.51 28.60 17.96
N CYS A 302 -10.80 29.79 17.49
CA CYS A 302 -9.95 30.41 16.51
C CYS A 302 -8.68 30.78 17.24
N LYS A 303 -7.53 30.58 16.60
CA LYS A 303 -6.27 30.88 17.24
C LYS A 303 -5.92 32.35 17.28
N VAL A 304 -5.57 32.82 18.47
CA VAL A 304 -5.16 34.19 18.66
C VAL A 304 -3.80 34.28 19.35
N GLY A 305 -3.26 33.14 19.75
CA GLY A 305 -2.00 33.14 20.46
C GLY A 305 -0.91 32.35 19.79
N PRO A 306 0.31 32.97 19.68
CA PRO A 306 1.36 32.18 19.02
C PRO A 306 1.92 31.05 19.86
N GLY A 307 1.80 31.15 21.16
CA GLY A 307 2.36 30.14 22.05
C GLY A 307 3.87 30.20 22.11
N ARG A 308 4.48 29.35 22.93
CA ARG A 308 5.93 29.30 23.01
C ARG A 308 6.48 28.01 22.40
N VAL A 309 7.62 28.10 21.74
CA VAL A 309 8.18 26.98 20.98
C VAL A 309 9.06 26.05 21.82
N LEU A 310 8.72 24.77 21.83
CA LEU A 310 9.51 23.76 22.54
C LEU A 310 10.55 23.12 21.64
N PRO A 311 11.81 23.13 22.06
CA PRO A 311 12.92 22.57 21.29
C PRO A 311 12.78 21.07 21.05
N THR A 312 12.91 20.66 19.79
CA THR A 312 12.79 19.25 19.44
C THR A 312 13.91 18.83 18.49
N PRO A 313 14.97 18.23 19.05
CA PRO A 313 16.13 17.78 18.26
C PRO A 313 15.79 16.68 17.25
N THR A 314 14.84 15.81 17.57
CA THR A 314 14.46 14.75 16.64
C THR A 314 12.99 14.36 16.74
N GLU A 315 12.57 13.46 15.85
CA GLU A 315 11.17 13.06 15.71
C GLU A 315 10.57 12.45 16.98
N LYS A 316 11.43 11.90 17.83
CA LYS A 316 10.96 11.25 19.05
C LYS A 316 10.57 12.28 20.10
N ASP A 317 11.23 13.44 20.08
CA ASP A 317 10.96 14.51 21.03
C ASP A 317 9.54 15.08 20.87
N VAL A 318 9.14 15.33 19.63
CA VAL A 318 7.82 15.88 19.36
C VAL A 318 6.74 14.83 19.67
N PHE A 319 7.03 13.57 19.37
CA PHE A 319 6.12 12.47 19.69
C PHE A 319 5.90 12.39 21.20
N ARG A 320 6.99 12.51 21.95
CA ARG A 320 6.96 12.43 23.41
C ARG A 320 6.23 13.61 24.04
N LEU A 321 6.49 14.80 23.53
CA LEU A 321 5.87 16.02 24.04
C LEU A 321 4.38 16.04 23.76
N LEU A 322 3.96 15.23 22.79
CA LEU A 322 2.55 15.13 22.44
C LEU A 322 1.85 14.01 23.20
N GLY A 323 2.57 13.38 24.12
CA GLY A 323 2.03 12.29 24.92
C GLY A 323 1.63 11.09 24.08
N LEU A 324 2.41 10.83 23.04
CA LEU A 324 2.11 9.75 22.11
C LEU A 324 3.28 8.78 21.96
N PRO A 325 2.97 7.50 21.72
CA PRO A 325 4.03 6.53 21.43
C PRO A 325 4.64 6.81 20.06
N TYR A 326 5.97 6.85 19.99
CA TYR A 326 6.67 7.08 18.73
C TYR A 326 6.28 6.02 17.71
N ARG A 327 6.22 6.42 16.46
CA ARG A 327 5.88 5.48 15.42
C ARG A 327 6.85 5.66 14.28
N GLU A 328 7.32 4.56 13.73
CA GLU A 328 8.27 4.58 12.65
C GLU A 328 7.56 5.05 11.40
N PRO A 329 8.38 5.51 10.40
CA PRO A 329 7.67 6.01 9.22
C PRO A 329 6.79 4.95 8.59
N ALA A 330 7.25 3.72 8.58
CA ALA A 330 6.47 2.66 7.98
C ALA A 330 5.16 2.58 8.70
N GLU A 331 5.15 2.98 9.94
CA GLU A 331 3.93 2.92 10.71
C GLU A 331 3.11 4.17 10.50
N ARG A 332 3.67 5.11 9.77
CA ARG A 332 3.03 6.37 9.49
C ARG A 332 2.25 6.42 8.20
N ASP A 333 2.16 5.31 7.50
CA ASP A 333 1.50 5.31 6.21
C ASP A 333 0.00 5.21 6.32
N TRP A 334 -0.64 6.27 6.79
CA TRP A 334 -2.08 6.27 6.88
C TRP A 334 -2.66 6.67 5.55
N PRO B 92 -22.17 -2.47 20.53
CA PRO B 92 -21.93 -1.30 19.68
C PRO B 92 -20.49 -0.80 19.74
N VAL B 93 -19.88 -0.89 20.92
CA VAL B 93 -18.50 -0.46 21.10
C VAL B 93 -17.57 -1.67 21.02
N LEU B 94 -18.07 -2.84 21.43
CA LEU B 94 -17.29 -4.07 21.38
C LEU B 94 -17.05 -4.51 19.94
N GLU B 95 -18.07 -4.34 19.10
CA GLU B 95 -18.00 -4.79 17.71
C GLU B 95 -17.09 -3.88 16.88
N LEU B 96 -17.01 -2.61 17.25
CA LEU B 96 -16.25 -1.62 16.49
C LEU B 96 -14.78 -1.99 16.40
N PHE B 97 -14.19 -2.35 17.54
CA PHE B 97 -12.79 -2.74 17.59
C PHE B 97 -12.61 -4.14 17.00
N SER B 98 -13.67 -4.94 17.07
CA SER B 98 -13.64 -6.31 16.58
C SER B 98 -13.63 -6.34 15.04
N ASN B 99 -14.30 -5.37 14.44
CA ASN B 99 -14.42 -5.31 12.99
C ASN B 99 -13.12 -4.93 12.29
N ILE B 100 -12.12 -4.55 13.08
CA ILE B 100 -10.79 -4.27 12.55
C ILE B 100 -10.15 -5.56 12.07
N TRP B 101 -9.83 -5.62 10.78
CA TRP B 101 -9.16 -6.78 10.20
C TRP B 101 -7.84 -7.04 10.91
N GLY B 102 -7.71 -8.24 11.48
CA GLY B 102 -6.52 -8.60 12.24
C GLY B 102 -6.77 -8.55 13.73
N ALA B 103 -8.02 -8.34 14.11
CA ALA B 103 -8.40 -8.26 15.51
C ALA B 103 -9.65 -9.09 15.79
N GLY B 104 -9.63 -9.79 16.92
CA GLY B 104 -10.78 -10.57 17.36
C GLY B 104 -11.37 -10.02 18.63
N THR B 105 -12.36 -10.73 19.19
CA THR B 105 -13.04 -10.28 20.41
C THR B 105 -12.12 -10.31 21.62
N LYS B 106 -11.11 -11.19 21.58
CA LYS B 106 -10.15 -11.30 22.66
C LYS B 106 -9.28 -10.05 22.78
N THR B 107 -9.02 -9.40 21.64
CA THR B 107 -8.18 -8.20 21.60
C THR B 107 -9.03 -6.95 21.77
N ALA B 108 -10.27 -7.03 21.32
CA ALA B 108 -11.21 -5.92 21.44
C ALA B 108 -11.52 -5.61 22.90
N GLN B 109 -11.73 -6.67 23.69
CA GLN B 109 -12.01 -6.52 25.12
C GLN B 109 -10.81 -5.96 25.87
N MET B 110 -9.61 -6.37 25.43
CA MET B 110 -8.37 -5.92 26.05
C MET B 110 -8.22 -4.39 25.97
N TRP B 111 -8.56 -3.84 24.82
CA TRP B 111 -8.45 -2.41 24.59
C TRP B 111 -9.49 -1.61 25.38
N TYR B 112 -10.56 -2.27 25.79
CA TYR B 112 -11.59 -1.63 26.61
C TYR B 112 -11.06 -1.46 28.03
N GLN B 113 -10.25 -2.41 28.46
CA GLN B 113 -9.57 -2.34 29.76
C GLN B 113 -8.48 -1.26 29.72
N GLN B 114 -7.92 -1.04 28.54
CA GLN B 114 -6.86 -0.05 28.37
C GLN B 114 -7.43 1.36 28.20
N GLY B 115 -8.77 1.45 28.15
CA GLY B 115 -9.43 2.73 28.14
C GLY B 115 -9.71 3.32 26.77
N PHE B 116 -9.36 2.58 25.71
CA PHE B 116 -9.60 3.02 24.35
C PHE B 116 -11.09 3.02 24.03
N ARG B 117 -11.59 4.12 23.50
CA ARG B 117 -13.04 4.25 23.27
C ARG B 117 -13.38 4.59 21.82
N SER B 118 -12.43 5.18 21.10
CA SER B 118 -12.65 5.61 19.73
C SER B 118 -11.48 5.23 18.82
N LEU B 119 -11.74 5.20 17.52
CA LEU B 119 -10.73 4.82 16.54
C LEU B 119 -9.49 5.72 16.58
N GLU B 120 -9.69 6.99 16.93
CA GLU B 120 -8.59 7.93 17.10
C GLU B 120 -7.66 7.44 18.21
N ASP B 121 -8.26 7.00 19.31
CA ASP B 121 -7.52 6.51 20.46
C ASP B 121 -6.67 5.29 20.10
N ILE B 122 -7.26 4.37 19.33
CA ILE B 122 -6.54 3.16 18.91
C ILE B 122 -5.38 3.49 17.98
N ARG B 123 -5.63 4.32 16.98
CA ARG B 123 -4.60 4.69 16.01
C ARG B 123 -3.44 5.46 16.65
N SER B 124 -3.76 6.32 17.61
CA SER B 124 -2.75 7.18 18.22
C SER B 124 -1.96 6.50 19.33
N GLN B 125 -2.63 5.67 20.13
CA GLN B 125 -2.02 5.11 21.33
C GLN B 125 -1.68 3.63 21.23
N ALA B 126 -2.68 2.80 20.96
CA ALA B 126 -2.56 1.35 21.01
C ALA B 126 -1.41 0.79 20.15
N SER B 127 -0.71 -0.20 20.69
CA SER B 127 0.29 -0.93 19.95
C SER B 127 -0.39 -1.85 18.95
N LEU B 128 -0.02 -1.72 17.68
CA LEU B 128 -0.68 -2.47 16.61
C LEU B 128 0.29 -3.35 15.83
N THR B 129 -0.23 -4.47 15.31
CA THR B 129 0.55 -5.32 14.44
C THR B 129 0.52 -4.77 13.02
N THR B 130 1.29 -5.38 12.12
CA THR B 130 1.33 -4.94 10.73
C THR B 130 -0.01 -5.18 10.03
N GLN B 131 -0.85 -6.02 10.64
CA GLN B 131 -2.16 -6.33 10.06
C GLN B 131 -3.23 -5.37 10.58
N GLN B 132 -3.19 -5.08 11.87
CA GLN B 132 -4.18 -4.21 12.50
C GLN B 132 -4.05 -2.77 12.01
N ALA B 133 -2.82 -2.34 11.76
CA ALA B 133 -2.57 -1.00 11.25
C ALA B 133 -3.23 -0.80 9.89
N ILE B 134 -3.02 -1.77 9.00
CA ILE B 134 -3.66 -1.75 7.69
C ILE B 134 -5.17 -1.90 7.85
N GLY B 135 -5.58 -2.55 8.95
CA GLY B 135 -6.98 -2.71 9.27
C GLY B 135 -7.68 -1.38 9.52
N LEU B 136 -6.96 -0.44 10.12
CA LEU B 136 -7.51 0.90 10.36
C LEU B 136 -7.39 1.78 9.12
N LYS B 137 -6.30 1.60 8.38
CA LYS B 137 -6.05 2.38 7.17
C LYS B 137 -7.15 2.21 6.13
N HIS B 138 -7.66 0.98 6.02
CA HIS B 138 -8.71 0.67 5.06
C HIS B 138 -9.96 0.14 5.76
N TYR B 139 -10.26 0.68 6.93
CA TYR B 139 -11.36 0.19 7.76
C TYR B 139 -12.72 0.28 7.06
N SER B 140 -13.00 1.42 6.44
CA SER B 140 -14.29 1.64 5.81
C SER B 140 -14.48 0.77 4.55
N ASP B 141 -13.38 0.29 4.00
CA ASP B 141 -13.45 -0.55 2.80
C ASP B 141 -13.51 -2.04 3.13
N PHE B 142 -13.09 -2.40 4.34
CA PHE B 142 -12.96 -3.80 4.73
C PHE B 142 -14.23 -4.39 5.34
N LEU B 143 -15.18 -3.54 5.68
CA LEU B 143 -16.48 -4.03 6.14
C LEU B 143 -17.48 -3.91 4.98
N GLU B 144 -16.95 -3.83 3.76
CA GLU B 144 -17.77 -3.75 2.56
C GLU B 144 -17.41 -4.90 1.61
N ARG B 145 -18.41 -5.69 1.24
CA ARG B 145 -18.16 -6.84 0.37
C ARG B 145 -18.35 -6.46 -1.10
N MET B 146 -17.35 -6.77 -1.91
CA MET B 146 -17.41 -6.47 -3.34
C MET B 146 -18.40 -7.38 -4.06
N PRO B 147 -19.01 -6.89 -5.14
CA PRO B 147 -19.79 -7.80 -6.00
C PRO B 147 -18.83 -8.72 -6.76
N ARG B 148 -19.30 -9.91 -7.15
CA ARG B 148 -18.41 -10.90 -7.75
C ARG B 148 -17.79 -10.42 -9.05
N GLU B 149 -18.45 -9.51 -9.75
CA GLU B 149 -17.92 -8.93 -10.98
C GLU B 149 -16.56 -8.29 -10.75
N GLU B 150 -16.45 -7.53 -9.66
CA GLU B 150 -15.19 -6.90 -9.29
C GLU B 150 -14.13 -7.95 -8.97
N ALA B 151 -14.55 -9.04 -8.32
CA ALA B 151 -13.65 -10.14 -8.00
C ALA B 151 -13.09 -10.78 -9.28
N THR B 152 -13.91 -10.82 -10.32
CA THR B 152 -13.48 -11.34 -11.62
C THR B 152 -12.34 -10.50 -12.18
N GLU B 153 -12.47 -9.18 -12.03
CA GLU B 153 -11.44 -8.24 -12.52
C GLU B 153 -10.11 -8.47 -11.81
N ILE B 154 -10.16 -8.59 -10.49
CA ILE B 154 -8.97 -8.81 -9.68
C ILE B 154 -8.32 -10.14 -10.05
N GLU B 155 -9.14 -11.13 -10.42
CA GLU B 155 -8.62 -12.40 -10.88
C GLU B 155 -7.86 -12.23 -12.20
N GLN B 156 -8.49 -11.51 -13.13
CA GLN B 156 -7.91 -11.26 -14.45
C GLN B 156 -6.60 -10.48 -14.36
N THR B 157 -6.54 -9.55 -13.41
CA THR B 157 -5.33 -8.75 -13.18
C THR B 157 -4.17 -9.65 -12.78
N VAL B 158 -4.40 -10.51 -11.80
CA VAL B 158 -3.38 -11.44 -11.32
C VAL B 158 -3.05 -12.46 -12.41
N GLN B 159 -4.06 -12.80 -13.22
CA GLN B 159 -3.86 -13.76 -14.29
C GLN B 159 -2.99 -13.20 -15.42
N LYS B 160 -3.30 -11.98 -15.87
CA LYS B 160 -2.57 -11.39 -16.98
C LYS B 160 -1.11 -11.12 -16.63
N ALA B 161 -0.87 -10.82 -15.35
CA ALA B 161 0.49 -10.55 -14.89
C ALA B 161 1.31 -11.83 -14.83
N ALA B 162 0.64 -12.94 -14.55
CA ALA B 162 1.32 -14.23 -14.44
C ALA B 162 1.56 -14.85 -15.82
N GLN B 163 0.67 -14.56 -16.76
CA GLN B 163 0.79 -15.09 -18.12
C GLN B 163 1.88 -14.38 -18.91
N ALA B 164 2.41 -13.30 -18.34
CA ALA B 164 3.52 -12.58 -18.95
C ALA B 164 4.80 -13.38 -18.84
N PHE B 165 5.08 -13.87 -17.63
CA PHE B 165 6.26 -14.70 -17.37
C PHE B 165 6.13 -16.08 -18.00
N ASN B 166 4.92 -16.60 -18.04
CA ASN B 166 4.65 -17.92 -18.61
C ASN B 166 3.20 -18.01 -19.08
N SER B 167 3.00 -18.15 -20.38
CA SER B 167 1.65 -18.17 -20.96
C SER B 167 0.90 -19.46 -20.64
N GLY B 168 1.60 -20.44 -20.08
CA GLY B 168 0.99 -21.71 -19.73
C GLY B 168 0.59 -21.78 -18.26
N LEU B 169 0.68 -20.64 -17.58
CA LEU B 169 0.35 -20.57 -16.16
C LEU B 169 -1.17 -20.51 -15.94
N LEU B 170 -1.64 -21.27 -14.96
CA LEU B 170 -3.07 -21.38 -14.69
C LEU B 170 -3.47 -20.66 -13.40
N CYS B 171 -4.38 -19.70 -13.51
CA CYS B 171 -4.87 -18.97 -12.34
C CYS B 171 -6.36 -19.22 -12.14
N VAL B 172 -6.74 -19.51 -10.90
CA VAL B 172 -8.14 -19.70 -10.56
C VAL B 172 -8.49 -18.97 -9.27
N ALA B 173 -9.51 -18.13 -9.33
CA ALA B 173 -10.04 -17.52 -8.10
C ALA B 173 -10.99 -18.52 -7.46
N CYS B 174 -10.67 -18.91 -6.22
CA CYS B 174 -11.48 -19.90 -5.53
C CYS B 174 -11.68 -19.53 -4.06
N GLY B 175 -12.93 -19.58 -3.64
CA GLY B 175 -13.33 -19.21 -2.30
C GLY B 175 -14.81 -18.91 -2.42
N SER B 176 -15.25 -17.80 -1.84
CA SER B 176 -16.61 -17.34 -2.06
C SER B 176 -16.90 -17.13 -3.55
N TYR B 177 -15.87 -16.81 -4.32
CA TYR B 177 -16.05 -16.55 -5.75
C TYR B 177 -16.37 -17.81 -6.54
N ARG B 178 -15.67 -18.90 -6.25
CA ARG B 178 -15.85 -20.16 -6.97
C ARG B 178 -17.16 -20.83 -6.54
N ARG B 179 -17.53 -20.61 -5.29
CA ARG B 179 -18.80 -21.12 -4.77
C ARG B 179 -19.98 -20.34 -5.35
N GLY B 180 -19.67 -19.30 -6.12
CA GLY B 180 -20.69 -18.57 -6.86
C GLY B 180 -21.55 -17.64 -6.04
N LYS B 181 -21.02 -17.16 -4.92
CA LYS B 181 -21.70 -16.12 -4.14
C LYS B 181 -21.78 -14.82 -4.93
N ALA B 182 -22.74 -13.97 -4.57
CA ALA B 182 -22.92 -12.69 -5.26
C ALA B 182 -21.95 -11.64 -4.77
N THR B 183 -21.55 -11.73 -3.50
CA THR B 183 -20.59 -10.78 -2.95
C THR B 183 -19.44 -11.49 -2.24
N CYS B 184 -18.22 -11.16 -2.64
CA CYS B 184 -17.02 -11.74 -2.05
C CYS B 184 -16.42 -10.85 -0.99
N GLY B 185 -16.09 -11.42 0.16
CA GLY B 185 -15.42 -10.70 1.23
C GLY B 185 -14.05 -10.27 0.76
N ASP B 186 -13.25 -11.24 0.32
CA ASP B 186 -11.95 -10.96 -0.29
C ASP B 186 -11.83 -11.78 -1.56
N VAL B 187 -10.65 -11.77 -2.19
CA VAL B 187 -10.43 -12.61 -3.37
C VAL B 187 -9.29 -13.59 -3.13
N ASP B 188 -9.60 -14.88 -3.20
CA ASP B 188 -8.60 -15.92 -3.02
C ASP B 188 -8.29 -16.59 -4.36
N VAL B 189 -7.05 -16.50 -4.80
CA VAL B 189 -6.67 -17.00 -6.12
C VAL B 189 -5.48 -17.96 -6.06
N ALA B 190 -5.63 -19.12 -6.65
CA ALA B 190 -4.59 -20.11 -6.65
C ALA B 190 -3.93 -20.17 -7.99
N ILE B 191 -2.62 -20.35 -7.98
CA ILE B 191 -1.84 -20.42 -9.20
C ILE B 191 -1.01 -21.69 -9.35
N THR B 192 -1.00 -22.27 -10.53
CA THR B 192 -0.22 -23.48 -10.78
C THR B 192 0.12 -23.68 -12.24
N HIS B 193 1.00 -24.64 -12.53
CA HIS B 193 1.35 -24.91 -13.90
C HIS B 193 1.06 -26.32 -14.30
N PRO B 194 0.48 -26.47 -15.53
CA PRO B 194 0.18 -27.85 -15.91
C PRO B 194 1.44 -28.69 -16.00
N ASP B 195 2.59 -28.07 -16.22
CA ASP B 195 3.82 -28.87 -16.31
C ASP B 195 4.11 -29.57 -15.00
N GLY B 196 3.80 -28.92 -13.92
CA GLY B 196 4.07 -29.46 -12.61
C GLY B 196 5.44 -29.03 -12.16
N ARG B 197 6.15 -28.30 -13.00
CA ARG B 197 7.45 -27.82 -12.64
C ARG B 197 7.61 -26.32 -12.80
N SER B 198 6.88 -25.74 -13.75
CA SER B 198 6.97 -24.34 -14.08
C SER B 198 6.59 -23.35 -13.03
N HIS B 199 5.82 -23.79 -12.07
CA HIS B 199 5.35 -22.90 -11.04
C HIS B 199 6.46 -22.28 -10.23
N ARG B 200 7.60 -22.94 -10.17
CA ARG B 200 8.70 -22.38 -9.40
C ARG B 200 9.33 -21.12 -9.99
N GLY B 201 9.68 -20.18 -9.11
CA GLY B 201 10.35 -18.95 -9.49
C GLY B 201 9.50 -17.82 -10.01
N ILE B 202 8.22 -18.08 -10.14
CA ILE B 202 7.26 -17.10 -10.61
C ILE B 202 6.79 -16.16 -9.50
N PHE B 203 6.56 -16.70 -8.31
CA PHE B 203 5.90 -15.97 -7.23
C PHE B 203 6.59 -14.67 -6.80
N SER B 204 7.91 -14.71 -6.70
CA SER B 204 8.68 -13.55 -6.27
C SER B 204 8.56 -12.40 -7.25
N ARG B 205 8.82 -12.68 -8.53
CA ARG B 205 8.82 -11.65 -9.56
C ARG B 205 7.41 -11.30 -10.04
N LEU B 206 6.41 -12.03 -9.54
CA LEU B 206 5.02 -11.73 -9.88
C LEU B 206 4.43 -10.67 -8.97
N LEU B 207 4.73 -10.77 -7.68
CA LEU B 207 4.20 -9.85 -6.68
C LEU B 207 4.63 -8.41 -6.95
N ASP B 208 5.94 -8.20 -7.09
CA ASP B 208 6.47 -6.86 -7.33
C ASP B 208 6.00 -6.33 -8.68
N SER B 209 5.87 -7.22 -9.65
CA SER B 209 5.35 -6.85 -10.98
C SER B 209 3.99 -6.20 -10.85
N LEU B 210 3.20 -6.69 -9.92
CA LEU B 210 1.89 -6.11 -9.61
C LEU B 210 2.04 -4.96 -8.64
N ARG B 211 3.07 -5.02 -7.80
CA ARG B 211 3.32 -3.99 -6.81
C ARG B 211 3.93 -2.76 -7.48
N GLN B 212 4.45 -2.96 -8.69
CA GLN B 212 4.99 -1.87 -9.49
C GLN B 212 3.89 -1.16 -10.27
N GLU B 213 2.84 -1.90 -10.62
CA GLU B 213 1.72 -1.35 -11.37
C GLU B 213 0.81 -0.51 -10.48
N GLY B 214 1.07 -0.55 -9.17
CA GLY B 214 0.25 0.17 -8.21
C GLY B 214 -0.97 -0.64 -7.81
N PHE B 215 -1.07 -1.85 -8.35
CA PHE B 215 -2.17 -2.76 -8.02
C PHE B 215 -2.08 -3.23 -6.57
N LEU B 216 -0.90 -3.68 -6.16
CA LEU B 216 -0.66 -4.04 -4.77
C LEU B 216 -0.28 -2.81 -3.96
N THR B 217 -1.10 -2.49 -2.97
CA THR B 217 -0.89 -1.27 -2.18
C THR B 217 -0.23 -1.56 -0.84
N ASP B 218 -0.76 -2.54 -0.11
CA ASP B 218 -0.20 -2.92 1.19
C ASP B 218 0.13 -4.41 1.22
N ASP B 219 1.15 -4.77 1.99
CA ASP B 219 1.52 -6.17 2.15
C ASP B 219 1.20 -6.67 3.57
N LEU B 220 0.18 -7.52 3.66
CA LEU B 220 -0.27 -8.08 4.92
C LEU B 220 0.74 -9.10 5.45
N VAL B 221 0.97 -10.13 4.65
CA VAL B 221 1.91 -11.19 4.99
C VAL B 221 2.90 -11.42 3.86
N SER B 222 4.18 -11.38 4.19
CA SER B 222 5.23 -11.69 3.23
C SER B 222 5.09 -13.14 2.78
N GLN B 223 5.80 -13.53 1.74
CA GLN B 223 5.64 -14.88 1.28
C GLN B 223 5.95 -15.74 2.47
N GLU B 224 5.15 -16.78 2.62
CA GLU B 224 5.30 -17.70 3.73
C GLU B 224 5.61 -19.02 3.10
N GLU B 225 6.22 -19.89 3.87
CA GLU B 225 6.58 -21.18 3.36
C GLU B 225 5.67 -22.23 3.93
N ASN B 226 4.99 -22.96 3.04
CA ASN B 226 4.12 -24.03 3.44
C ASN B 226 4.43 -25.22 2.57
N GLY B 227 5.45 -25.96 2.93
CA GLY B 227 5.83 -27.11 2.13
C GLY B 227 6.19 -26.64 0.75
N GLN B 228 5.58 -27.25 -0.25
CA GLN B 228 5.86 -26.87 -1.63
C GLN B 228 4.95 -25.73 -2.04
N GLN B 229 4.12 -25.27 -1.12
CA GLN B 229 3.21 -24.19 -1.38
C GLN B 229 3.68 -22.91 -0.73
N GLN B 230 3.55 -21.80 -1.44
CA GLN B 230 3.93 -20.50 -0.94
C GLN B 230 2.72 -19.59 -1.04
N LYS B 231 2.49 -18.79 -0.01
CA LYS B 231 1.33 -17.93 0.02
C LYS B 231 1.60 -16.47 0.31
N TYR B 232 0.72 -15.62 -0.19
CA TYR B 232 0.81 -14.19 0.04
C TYR B 232 -0.54 -13.61 0.42
N LEU B 233 -0.56 -12.75 1.42
CA LEU B 233 -1.78 -12.02 1.78
C LEU B 233 -1.48 -10.54 1.72
N GLY B 234 -2.40 -9.77 1.14
CA GLY B 234 -2.21 -8.34 1.03
C GLY B 234 -3.43 -7.56 0.59
N VAL B 235 -3.22 -6.28 0.31
CA VAL B 235 -4.30 -5.39 -0.09
C VAL B 235 -4.07 -4.91 -1.52
N CYS B 236 -5.13 -4.91 -2.33
CA CYS B 236 -5.02 -4.44 -3.70
C CYS B 236 -6.12 -3.44 -4.03
N ARG B 237 -6.02 -2.85 -5.22
CA ARG B 237 -7.04 -1.93 -5.71
C ARG B 237 -6.98 -1.83 -7.22
N LEU B 238 -8.11 -2.08 -7.87
CA LEU B 238 -8.21 -1.99 -9.32
C LEU B 238 -7.98 -0.55 -9.79
N PRO B 239 -7.33 -0.39 -10.96
CA PRO B 239 -7.04 0.94 -11.48
C PRO B 239 -8.31 1.76 -11.71
N GLY B 240 -8.23 3.05 -11.41
CA GLY B 240 -9.36 3.95 -11.59
C GLY B 240 -9.82 4.57 -10.29
N PRO B 241 -10.71 5.57 -10.40
CA PRO B 241 -11.28 6.25 -9.24
C PRO B 241 -12.52 5.53 -8.70
N GLY B 242 -12.85 5.78 -7.44
CA GLY B 242 -14.02 5.17 -6.82
C GLY B 242 -13.78 3.76 -6.32
N ARG B 243 -12.65 3.19 -6.72
CA ARG B 243 -12.31 1.81 -6.36
C ARG B 243 -11.93 1.67 -4.88
N ARG B 244 -12.54 0.71 -4.20
CA ARG B 244 -12.22 0.44 -2.80
C ARG B 244 -11.02 -0.50 -2.69
N HIS B 245 -10.40 -0.53 -1.52
CA HIS B 245 -9.32 -1.47 -1.26
C HIS B 245 -9.87 -2.86 -0.94
N ARG B 246 -9.34 -3.88 -1.61
CA ARG B 246 -9.83 -5.24 -1.44
C ARG B 246 -8.72 -6.18 -0.97
N ARG B 247 -9.06 -7.07 -0.04
CA ARG B 247 -8.08 -8.01 0.49
C ARG B 247 -7.81 -9.13 -0.51
N LEU B 248 -6.53 -9.42 -0.74
CA LEU B 248 -6.15 -10.38 -1.76
C LEU B 248 -5.25 -11.48 -1.19
N ASP B 249 -5.66 -12.72 -1.41
CA ASP B 249 -4.94 -13.90 -0.92
C ASP B 249 -4.48 -14.71 -2.13
N ILE B 250 -3.18 -14.98 -2.23
CA ILE B 250 -2.64 -15.71 -3.37
C ILE B 250 -1.78 -16.89 -2.91
N ILE B 251 -2.00 -18.06 -3.50
CA ILE B 251 -1.12 -19.20 -3.25
C ILE B 251 -0.64 -19.80 -4.57
N VAL B 252 0.62 -20.22 -4.57
CA VAL B 252 1.21 -20.87 -5.73
C VAL B 252 1.47 -22.32 -5.38
N VAL B 253 0.88 -23.23 -6.13
CA VAL B 253 0.93 -24.65 -5.76
C VAL B 253 1.40 -25.52 -6.91
N PRO B 254 2.15 -26.59 -6.58
CA PRO B 254 2.55 -27.57 -7.59
C PRO B 254 1.34 -28.34 -8.11
N TYR B 255 1.35 -28.71 -9.39
CA TYR B 255 0.20 -29.33 -10.02
C TYR B 255 -0.23 -30.65 -9.37
N SER B 256 0.71 -31.29 -8.67
CA SER B 256 0.41 -32.56 -8.02
C SER B 256 -0.48 -32.36 -6.80
N GLU B 257 -0.45 -31.15 -6.23
CA GLU B 257 -1.26 -30.85 -5.06
C GLU B 257 -2.46 -30.00 -5.42
N PHE B 258 -2.70 -29.84 -6.73
CA PHE B 258 -3.66 -28.85 -7.20
C PHE B 258 -5.10 -29.18 -6.82
N ALA B 259 -5.48 -30.44 -6.97
CA ALA B 259 -6.85 -30.86 -6.67
C ALA B 259 -7.19 -30.64 -5.20
N CYS B 260 -6.24 -30.92 -4.32
CA CYS B 260 -6.46 -30.74 -2.89
C CYS B 260 -6.39 -29.27 -2.50
N ALA B 261 -5.50 -28.53 -3.14
CA ALA B 261 -5.40 -27.09 -2.89
C ALA B 261 -6.65 -26.37 -3.41
N LEU B 262 -7.08 -26.72 -4.62
CA LEU B 262 -8.31 -26.19 -5.19
C LEU B 262 -9.49 -26.34 -4.23
N LEU B 263 -9.66 -27.56 -3.71
CA LEU B 263 -10.79 -27.85 -2.82
C LEU B 263 -10.69 -27.11 -1.49
N TYR B 264 -9.50 -27.09 -0.88
CA TYR B 264 -9.34 -26.44 0.41
C TYR B 264 -9.61 -24.94 0.30
N PHE B 265 -9.12 -24.33 -0.77
CA PHE B 265 -9.30 -22.90 -1.00
C PHE B 265 -10.70 -22.55 -1.50
N THR B 266 -11.39 -23.52 -2.11
CA THR B 266 -12.74 -23.28 -2.56
C THR B 266 -13.67 -23.26 -1.35
N GLY B 267 -13.20 -23.87 -0.26
CA GLY B 267 -13.97 -23.95 0.96
C GLY B 267 -15.36 -24.54 0.76
N SER B 268 -16.33 -24.12 1.58
CA SER B 268 -16.12 -23.14 2.63
C SER B 268 -15.36 -23.74 3.82
N ALA B 269 -15.05 -22.90 4.80
CA ALA B 269 -14.33 -23.33 5.98
C ALA B 269 -15.04 -24.50 6.64
N HIS B 270 -16.33 -24.35 6.90
CA HIS B 270 -17.06 -25.40 7.57
C HIS B 270 -17.07 -26.67 6.73
N PHE B 271 -17.19 -26.51 5.42
CA PHE B 271 -17.14 -27.64 4.52
C PHE B 271 -15.83 -28.41 4.66
N ASN B 272 -14.72 -27.68 4.77
CA ASN B 272 -13.41 -28.30 5.00
C ASN B 272 -13.36 -29.02 6.33
N ARG B 273 -14.00 -28.45 7.34
CA ARG B 273 -14.09 -29.08 8.64
C ARG B 273 -14.86 -30.39 8.55
N SER B 274 -15.89 -30.42 7.71
CA SER B 274 -16.70 -31.62 7.51
C SER B 274 -15.94 -32.70 6.76
N MET B 275 -15.23 -32.30 5.70
CA MET B 275 -14.48 -33.26 4.89
C MET B 275 -13.29 -33.79 5.66
N ARG B 276 -12.74 -32.96 6.54
CA ARG B 276 -11.65 -33.36 7.40
C ARG B 276 -12.13 -34.42 8.39
N ALA B 277 -13.33 -34.22 8.93
CA ALA B 277 -13.91 -35.17 9.88
C ALA B 277 -14.22 -36.50 9.20
N LEU B 278 -14.67 -36.42 7.95
CA LEU B 278 -15.01 -37.61 7.18
C LEU B 278 -13.76 -38.42 6.86
N ALA B 279 -12.67 -37.71 6.55
CA ALA B 279 -11.40 -38.38 6.25
C ALA B 279 -10.92 -39.21 7.44
N LYS B 280 -11.04 -38.64 8.64
CA LYS B 280 -10.57 -39.30 9.84
C LYS B 280 -11.30 -40.63 10.09
N THR B 281 -12.57 -40.73 9.71
CA THR B 281 -13.32 -41.96 9.94
C THR B 281 -12.92 -43.09 8.98
N LYS B 282 -12.11 -42.76 7.98
CA LYS B 282 -11.63 -43.77 7.04
C LYS B 282 -10.14 -43.99 7.19
N GLY B 283 -9.59 -43.55 8.33
CA GLY B 283 -8.17 -43.65 8.57
C GLY B 283 -7.36 -42.76 7.66
N MET B 284 -7.97 -41.65 7.23
CA MET B 284 -7.31 -40.72 6.32
C MET B 284 -7.20 -39.32 6.92
N SER B 285 -6.42 -38.48 6.25
CA SER B 285 -6.32 -37.06 6.61
C SER B 285 -6.31 -36.21 5.35
N LEU B 286 -7.16 -35.21 5.33
CA LEU B 286 -7.26 -34.29 4.20
C LEU B 286 -6.65 -32.94 4.52
N SER B 287 -5.73 -32.49 3.68
CA SER B 287 -5.12 -31.18 3.84
C SER B 287 -5.08 -30.46 2.50
N GLU B 288 -4.56 -29.23 2.50
CA GLU B 288 -4.43 -28.48 1.27
C GLU B 288 -3.38 -29.10 0.36
N HIS B 289 -2.53 -29.95 0.92
CA HIS B 289 -1.45 -30.58 0.18
C HIS B 289 -1.88 -31.89 -0.50
N ALA B 290 -2.41 -32.81 0.30
CA ALA B 290 -2.85 -34.11 -0.24
C ALA B 290 -3.79 -34.84 0.70
N LEU B 291 -4.54 -35.78 0.14
CA LEU B 291 -5.34 -36.71 0.94
C LEU B 291 -4.54 -38.00 1.13
N SER B 292 -4.24 -38.32 2.39
CA SER B 292 -3.36 -39.45 2.68
C SER B 292 -3.92 -40.39 3.75
N THR B 293 -3.60 -41.67 3.62
CA THR B 293 -3.89 -42.61 4.70
C THR B 293 -2.75 -42.54 5.72
N ALA B 294 -3.10 -42.63 7.00
CA ALA B 294 -2.12 -42.53 8.06
C ALA B 294 -1.15 -43.72 8.04
N VAL B 295 -1.72 -44.92 7.99
CA VAL B 295 -0.94 -46.15 7.95
C VAL B 295 -1.79 -47.27 7.36
N VAL B 296 -1.15 -48.25 6.74
CA VAL B 296 -1.88 -49.38 6.16
C VAL B 296 -1.79 -50.60 7.06
N ARG B 297 -2.85 -51.41 7.06
CA ARG B 297 -2.89 -52.62 7.89
C ARG B 297 -3.52 -53.79 7.14
N ASN B 298 -3.24 -55.00 7.62
CA ASN B 298 -3.87 -56.20 7.08
C ASN B 298 -5.19 -56.50 7.79
N THR B 299 -5.77 -57.66 7.50
CA THR B 299 -7.02 -58.05 8.14
C THR B 299 -6.80 -58.47 9.59
N HIS B 300 -5.60 -58.96 9.89
CA HIS B 300 -5.25 -59.38 11.24
C HIS B 300 -5.07 -58.17 12.17
N GLY B 301 -4.76 -57.02 11.58
CA GLY B 301 -4.60 -55.79 12.33
C GLY B 301 -3.16 -55.33 12.46
N CYS B 302 -2.27 -55.97 11.70
CA CYS B 302 -0.84 -55.67 11.76
C CYS B 302 -0.46 -54.55 10.78
N LYS B 303 0.53 -53.74 11.17
CA LYS B 303 1.07 -52.72 10.27
C LYS B 303 1.97 -53.39 9.23
N VAL B 304 1.75 -53.07 7.95
CA VAL B 304 2.50 -53.74 6.88
C VAL B 304 3.16 -52.74 5.93
N GLY B 305 2.93 -51.45 6.17
CA GLY B 305 3.51 -50.41 5.35
C GLY B 305 3.27 -49.02 5.90
N PRO B 306 3.99 -48.03 5.37
CA PRO B 306 3.83 -46.63 5.80
C PRO B 306 2.61 -46.00 5.15
N GLY B 307 2.15 -44.87 5.68
CA GLY B 307 1.01 -44.17 5.12
C GLY B 307 1.35 -43.59 3.75
N ARG B 308 0.47 -43.85 2.77
CA ARG B 308 0.72 -43.40 1.40
C ARG B 308 -0.19 -42.24 1.00
N VAL B 309 0.36 -41.33 0.20
CA VAL B 309 -0.43 -40.25 -0.36
C VAL B 309 -1.33 -40.79 -1.46
N LEU B 310 -2.64 -40.60 -1.30
CA LEU B 310 -3.60 -41.08 -2.29
C LEU B 310 -3.58 -40.16 -3.51
N PRO B 311 -3.44 -40.75 -4.71
CA PRO B 311 -3.40 -39.94 -5.93
C PRO B 311 -4.71 -39.18 -6.14
N THR B 312 -4.59 -37.88 -6.40
CA THR B 312 -5.78 -37.05 -6.56
C THR B 312 -5.60 -36.07 -7.72
N PRO B 313 -5.79 -36.57 -8.95
CA PRO B 313 -5.66 -35.74 -10.16
C PRO B 313 -6.69 -34.62 -10.22
N THR B 314 -7.95 -34.95 -9.89
CA THR B 314 -9.03 -33.97 -9.91
C THR B 314 -9.77 -33.93 -8.58
N GLU B 315 -10.71 -33.00 -8.46
CA GLU B 315 -11.51 -32.88 -7.25
C GLU B 315 -12.38 -34.11 -7.04
N LYS B 316 -12.95 -34.60 -8.14
CA LYS B 316 -13.83 -35.77 -8.08
C LYS B 316 -13.14 -36.99 -7.48
N ASP B 317 -11.83 -37.06 -7.60
CA ASP B 317 -11.09 -38.18 -7.02
C ASP B 317 -11.12 -38.13 -5.50
N VAL B 318 -11.01 -36.92 -4.95
CA VAL B 318 -11.11 -36.76 -3.50
C VAL B 318 -12.46 -37.27 -3.01
N PHE B 319 -13.51 -36.99 -3.78
CA PHE B 319 -14.86 -37.34 -3.37
C PHE B 319 -15.13 -38.85 -3.35
N ARG B 320 -14.68 -39.59 -4.37
CA ARG B 320 -14.92 -41.02 -4.35
C ARG B 320 -14.05 -41.69 -3.29
N LEU B 321 -12.87 -41.14 -3.04
CA LEU B 321 -11.99 -41.65 -1.99
C LEU B 321 -12.64 -41.49 -0.61
N LEU B 322 -13.35 -40.39 -0.40
CA LEU B 322 -14.03 -40.16 0.86
C LEU B 322 -15.39 -40.85 0.87
N GLY B 323 -15.79 -41.39 -0.28
CA GLY B 323 -17.04 -42.13 -0.36
C GLY B 323 -18.26 -41.28 -0.62
N LEU B 324 -18.05 -40.04 -1.07
CA LEU B 324 -19.15 -39.12 -1.32
C LEU B 324 -19.37 -38.85 -2.82
N PRO B 325 -20.64 -38.64 -3.20
CA PRO B 325 -20.96 -38.12 -4.52
C PRO B 325 -20.31 -36.74 -4.71
N TYR B 326 -19.98 -36.37 -5.94
CA TYR B 326 -19.34 -35.08 -6.17
C TYR B 326 -20.31 -33.94 -5.86
N ARG B 327 -19.79 -32.89 -5.22
CA ARG B 327 -20.58 -31.70 -4.94
C ARG B 327 -20.01 -30.48 -5.67
N GLU B 328 -20.82 -29.84 -6.50
CA GLU B 328 -20.43 -28.61 -7.18
C GLU B 328 -20.08 -27.53 -6.16
N PRO B 329 -19.07 -26.69 -6.46
CA PRO B 329 -18.62 -25.66 -5.52
C PRO B 329 -19.76 -24.79 -4.94
N ALA B 330 -20.84 -24.60 -5.68
CA ALA B 330 -21.98 -23.85 -5.16
C ALA B 330 -22.66 -24.58 -4.01
N GLU B 331 -22.49 -25.90 -3.96
CA GLU B 331 -23.13 -26.71 -2.93
C GLU B 331 -22.22 -27.01 -1.74
N ARG B 332 -21.13 -26.26 -1.62
CA ARG B 332 -20.17 -26.50 -0.55
C ARG B 332 -20.16 -25.36 0.47
N ASP B 333 -21.21 -24.55 0.46
CA ASP B 333 -21.23 -23.36 1.30
C ASP B 333 -21.31 -23.72 2.79
N TRP B 334 -21.76 -24.93 3.07
CA TRP B 334 -21.75 -25.44 4.43
C TRP B 334 -21.52 -26.95 4.44
MG MG E . -12.74 -15.29 -0.15
N1 DCP F . -10.51 -21.59 5.00
C2 DCP F . -10.54 -22.71 5.88
N3 DCP F . -10.49 -22.44 7.29
C4 DCP F . -10.43 -21.20 7.74
C5 DCP F . -10.41 -20.03 6.77
C6 DCP F . -10.45 -20.27 5.43
O2 DCP F . -10.58 -23.86 5.47
N4 DCP F . -10.39 -20.94 9.14
C1' DCP F . -10.56 -21.81 3.55
C2' DCP F . -11.96 -22.04 3.09
C3' DCP F . -12.31 -20.76 2.43
C4' DCP F . -11.00 -20.34 1.88
O4' DCP F . -10.04 -20.73 2.81
O3' DCP F . -13.29 -20.90 1.44
C5' DCP F . -10.96 -18.83 1.64
O5' DCP F . -11.06 -18.22 2.90
PA DCP F . -11.91 -16.91 3.16
O1A DCP F . -11.52 -16.41 4.53
O2A DCP F . -11.58 -15.86 2.12
O3A DCP F . -13.46 -17.18 3.20
PB DCP F . -14.42 -17.23 1.95
O1B DCP F . -15.06 -18.59 1.85
O2B DCP F . -13.70 -16.95 0.65
O3B DCP F . -15.57 -16.17 2.19
PG DCP F . -15.35 -14.62 2.03
O1G DCP F . -15.67 -13.92 3.34
O2G DCP F . -13.92 -14.30 1.64
O3G DCP F . -16.30 -14.09 0.98
#